data_1G27
#
_entry.id   1G27
#
_cell.length_a   143.140
_cell.length_b   64.470
_cell.length_c   85.290
_cell.angle_alpha   90.00
_cell.angle_beta   123.11
_cell.angle_gamma   90.00
#
_symmetry.space_group_name_H-M   'C 1 2 1'
#
loop_
_entity.id
_entity.type
_entity.pdbx_description
1 polymer 'POLYPEPTIDE DEFORMYLASE'
2 non-polymer 'NICKEL (II) ION'
3 non-polymer '2-[(FORMYL-HYDROXY-AMINO)-METHYL]-HEXANOIC ACID (1-DIMETHYLCARBAMOYL-2,2-DIMETHYL-PROPYL)-AMIDE'
4 water water
#
_entity_poly.entity_id   1
_entity_poly.type   'polypeptide(L)'
_entity_poly.pdbx_seq_one_letter_code
;SVLQVLHIPDERLRKVAKPVEEVNAEIQRIVDDMFETMYAEEGIGLAATQVDIHQRIIVIDVSENRDERLVLINPELLEK
SGETGIEEGCLSIPEQRALVPRAEKVKIRALDRDGKPFELEADGLLAICIQHEMDHLVGKLFMDYLSPLKQQRIRQKVEK
LDRLKARA
;
_entity_poly.pdbx_strand_id   A,B,C
#
loop_
_chem_comp.id
_chem_comp.type
_chem_comp.name
_chem_comp.formula
BB1 non-polymer '2-[(FORMYL-HYDROXY-AMINO)-METHYL]-HEXANOIC ACID (1-DIMETHYLCARBAMOYL-2,2-DIMETHYL-PROPYL)-AMIDE' 'C16 H31 N3 O4'
NI non-polymer 'NICKEL (II) ION' 'Ni 2'
#
# COMPACT_ATOMS: atom_id res chain seq x y z
N SER A 1 8.14 -6.79 -15.27
CA SER A 1 8.12 -5.75 -14.24
C SER A 1 9.44 -5.68 -13.46
N VAL A 2 9.77 -4.49 -12.97
CA VAL A 2 10.94 -4.28 -12.14
C VAL A 2 10.50 -4.44 -10.70
N LEU A 3 11.19 -5.28 -9.96
CA LEU A 3 10.82 -5.51 -8.58
C LEU A 3 11.65 -4.70 -7.66
N GLN A 4 11.12 -4.45 -6.49
CA GLN A 4 11.85 -3.72 -5.48
C GLN A 4 12.95 -4.64 -4.88
N VAL A 5 14.16 -4.12 -4.72
CA VAL A 5 15.28 -4.86 -4.13
C VAL A 5 15.46 -4.47 -2.66
N LEU A 6 15.41 -5.45 -1.76
CA LEU A 6 15.60 -5.17 -0.34
C LEU A 6 17.03 -4.74 -0.04
N HIS A 7 17.21 -3.99 1.04
CA HIS A 7 18.53 -3.58 1.48
C HIS A 7 18.71 -3.98 2.90
N ILE A 8 19.95 -4.12 3.32
CA ILE A 8 20.18 -4.40 4.70
C ILE A 8 19.61 -3.15 5.42
N PRO A 9 19.08 -3.31 6.66
CA PRO A 9 19.16 -4.56 7.41
C PRO A 9 17.89 -5.38 7.43
N ASP A 10 17.14 -5.34 6.35
CA ASP A 10 15.91 -6.09 6.28
C ASP A 10 16.16 -7.55 6.59
N GLU A 11 15.47 -8.06 7.60
CA GLU A 11 15.64 -9.45 8.00
C GLU A 11 15.10 -10.42 6.97
N ARG A 12 14.38 -9.92 5.99
CA ARG A 12 13.86 -10.81 4.97
C ARG A 12 15.01 -11.36 4.13
N LEU A 13 16.14 -10.67 4.21
CA LEU A 13 17.34 -11.03 3.46
C LEU A 13 18.02 -12.22 4.09
N ARG A 14 17.68 -12.50 5.33
CA ARG A 14 18.30 -13.62 6.00
C ARG A 14 17.50 -14.89 5.91
N LYS A 15 16.44 -14.85 5.12
CA LYS A 15 15.64 -16.03 4.96
C LYS A 15 16.24 -17.03 4.03
N VAL A 16 15.94 -18.28 4.34
CA VAL A 16 16.44 -19.41 3.59
C VAL A 16 15.38 -19.84 2.58
N ALA A 17 15.74 -19.76 1.30
CA ALA A 17 14.82 -20.08 0.21
C ALA A 17 14.47 -21.53 0.10
N LYS A 18 13.29 -21.83 -0.41
CA LYS A 18 12.87 -23.20 -0.64
C LYS A 18 13.17 -23.52 -2.10
N PRO A 19 13.16 -24.81 -2.40
CA PRO A 19 13.44 -25.26 -3.74
C PRO A 19 12.21 -25.07 -4.58
N VAL A 20 12.42 -24.73 -5.84
CA VAL A 20 11.31 -24.56 -6.74
C VAL A 20 10.71 -25.93 -6.92
N GLU A 21 9.42 -26.04 -6.70
CA GLU A 21 8.70 -27.32 -6.79
C GLU A 21 8.34 -27.71 -8.23
N GLU A 22 8.16 -26.73 -9.10
CA GLU A 22 7.84 -26.98 -10.50
C GLU A 22 8.09 -25.72 -11.28
N VAL A 23 8.81 -25.86 -12.39
CA VAL A 23 9.14 -24.74 -13.26
C VAL A 23 7.92 -24.51 -14.16
N ASN A 24 7.13 -23.49 -13.83
CA ASN A 24 5.94 -23.20 -14.61
C ASN A 24 5.92 -21.72 -14.97
N ALA A 25 4.83 -21.30 -15.62
CA ALA A 25 4.68 -19.91 -16.07
C ALA A 25 4.91 -18.94 -14.94
N GLU A 26 4.40 -19.27 -13.75
CA GLU A 26 4.59 -18.38 -12.63
C GLU A 26 6.05 -18.19 -12.38
N ILE A 27 6.79 -19.28 -12.47
CA ILE A 27 8.23 -19.27 -12.23
C ILE A 27 8.94 -18.48 -13.29
N GLN A 28 8.54 -18.71 -14.53
CA GLN A 28 9.19 -18.04 -15.64
C GLN A 28 8.98 -16.57 -15.67
N ARG A 29 7.86 -16.12 -15.09
CA ARG A 29 7.61 -14.69 -15.00
C ARG A 29 8.55 -14.12 -13.99
N ILE A 30 8.69 -14.82 -12.88
CA ILE A 30 9.60 -14.40 -11.83
C ILE A 30 10.99 -14.25 -12.43
N VAL A 31 11.40 -15.26 -13.20
CA VAL A 31 12.71 -15.23 -13.84
C VAL A 31 12.84 -14.00 -14.74
N ASP A 32 11.78 -13.73 -15.51
CA ASP A 32 11.78 -12.59 -16.41
C ASP A 32 11.85 -11.27 -15.66
N ASP A 33 11.12 -11.16 -14.56
CA ASP A 33 11.16 -9.91 -13.77
C ASP A 33 12.52 -9.70 -13.15
N MET A 34 13.15 -10.81 -12.75
CA MET A 34 14.47 -10.75 -12.09
C MET A 34 15.52 -10.25 -13.05
N PHE A 35 15.41 -10.64 -14.31
CA PHE A 35 16.31 -10.15 -15.35
C PHE A 35 16.11 -8.67 -15.58
N GLU A 36 14.86 -8.28 -15.65
CA GLU A 36 14.54 -6.87 -15.84
C GLU A 36 15.07 -6.05 -14.69
N THR A 37 14.84 -6.54 -13.49
CA THR A 37 15.31 -5.86 -12.28
C THR A 37 16.84 -5.75 -12.26
N MET A 38 17.51 -6.86 -12.57
CA MET A 38 18.98 -6.91 -12.57
C MET A 38 19.57 -5.92 -13.56
N TYR A 39 19.06 -5.93 -14.78
CA TYR A 39 19.56 -5.00 -15.78
C TYR A 39 19.22 -3.58 -15.40
N ALA A 40 18.04 -3.38 -14.81
CA ALA A 40 17.63 -2.05 -14.37
C ALA A 40 18.58 -1.57 -13.29
N GLU A 41 18.91 -2.47 -12.35
CA GLU A 41 19.82 -2.17 -11.23
C GLU A 41 21.29 -2.20 -11.61
N GLU A 42 21.59 -2.66 -12.81
CA GLU A 42 22.97 -2.71 -13.30
C GLU A 42 23.86 -3.72 -12.53
N GLY A 43 23.27 -4.87 -12.17
CA GLY A 43 24.00 -5.91 -11.46
C GLY A 43 24.34 -6.99 -12.46
N ILE A 44 25.20 -7.92 -12.07
CA ILE A 44 25.59 -9.01 -12.97
C ILE A 44 24.94 -10.29 -12.51
N GLY A 45 24.19 -10.20 -11.41
CA GLY A 45 23.47 -11.35 -10.88
C GLY A 45 22.35 -10.92 -9.92
N LEU A 46 21.42 -11.83 -9.68
CA LEU A 46 20.32 -11.59 -8.75
C LEU A 46 19.73 -12.89 -8.24
N ALA A 47 19.50 -12.93 -6.93
CA ALA A 47 18.88 -14.08 -6.26
C ALA A 47 17.45 -13.68 -5.83
N ALA A 48 16.51 -14.60 -5.96
CA ALA A 48 15.10 -14.34 -5.61
C ALA A 48 14.94 -13.71 -4.23
N THR A 49 15.73 -14.19 -3.28
CA THR A 49 15.71 -13.66 -1.94
C THR A 49 15.74 -12.13 -1.93
N GLN A 50 16.61 -11.55 -2.77
CA GLN A 50 16.78 -10.10 -2.79
C GLN A 50 15.51 -9.29 -3.14
N VAL A 51 14.56 -9.96 -3.75
CA VAL A 51 13.32 -9.31 -4.15
C VAL A 51 12.15 -9.93 -3.40
N ASP A 52 12.42 -10.40 -2.18
CA ASP A 52 11.43 -10.99 -1.33
C ASP A 52 10.70 -12.20 -1.88
N ILE A 53 11.39 -12.96 -2.72
CA ILE A 53 10.86 -14.18 -3.27
C ILE A 53 11.76 -15.30 -2.74
N HIS A 54 11.24 -16.10 -1.81
CA HIS A 54 12.04 -17.12 -1.16
C HIS A 54 12.07 -18.50 -1.77
N GLN A 55 12.53 -18.54 -3.00
CA GLN A 55 12.66 -19.77 -3.73
C GLN A 55 14.03 -19.79 -4.39
N ARG A 56 14.62 -20.98 -4.51
CA ARG A 56 15.96 -21.12 -5.04
C ARG A 56 16.06 -20.78 -6.51
N ILE A 57 16.11 -19.47 -6.81
CA ILE A 57 16.18 -18.97 -8.19
C ILE A 57 17.23 -17.88 -8.29
N ILE A 58 18.01 -17.92 -9.38
CA ILE A 58 19.10 -16.96 -9.56
C ILE A 58 19.20 -16.65 -11.02
N VAL A 59 19.49 -15.38 -11.34
CA VAL A 59 19.68 -14.99 -12.73
C VAL A 59 21.03 -14.34 -12.81
N ILE A 60 21.73 -14.57 -13.92
CA ILE A 60 23.06 -14.06 -14.10
C ILE A 60 23.36 -13.61 -15.49
N ASP A 61 24.19 -12.58 -15.58
CA ASP A 61 24.76 -12.14 -16.84
C ASP A 61 26.05 -11.45 -16.53
N VAL A 62 27.16 -12.18 -16.67
CA VAL A 62 28.45 -11.61 -16.36
C VAL A 62 29.11 -11.06 -17.60
N SER A 63 28.40 -11.16 -18.72
CA SER A 63 28.91 -10.70 -20.02
C SER A 63 29.30 -9.22 -20.08
N GLU A 64 30.23 -8.90 -20.97
CA GLU A 64 30.73 -7.54 -21.12
C GLU A 64 29.72 -6.65 -21.79
N ASN A 65 28.98 -7.21 -22.75
CA ASN A 65 27.98 -6.46 -23.46
C ASN A 65 26.62 -6.72 -22.87
N ARG A 66 26.60 -7.40 -21.74
CA ARG A 66 25.35 -7.69 -21.06
C ARG A 66 24.35 -8.33 -21.98
N ASP A 67 24.76 -9.40 -22.65
CA ASP A 67 23.86 -10.08 -23.56
C ASP A 67 23.95 -11.59 -23.43
N GLU A 68 24.24 -12.08 -22.23
CA GLU A 68 24.32 -13.51 -21.98
C GLU A 68 23.51 -13.85 -20.76
N ARG A 69 22.32 -14.36 -20.96
CA ARG A 69 21.44 -14.68 -19.87
C ARG A 69 21.67 -16.08 -19.31
N LEU A 70 21.75 -16.17 -17.99
CA LEU A 70 21.94 -17.45 -17.31
C LEU A 70 20.99 -17.55 -16.14
N VAL A 71 20.25 -18.66 -16.12
CA VAL A 71 19.25 -18.92 -15.10
C VAL A 71 19.62 -20.17 -14.35
N LEU A 72 19.58 -20.08 -13.04
CA LEU A 72 19.89 -21.22 -12.22
C LEU A 72 18.77 -21.47 -11.28
N ILE A 73 17.98 -22.49 -11.56
CA ILE A 73 16.90 -22.84 -10.66
C ILE A 73 17.33 -24.06 -9.85
N ASN A 74 17.13 -24.01 -8.53
CA ASN A 74 17.47 -25.16 -7.66
C ASN A 74 18.92 -25.65 -7.87
N PRO A 75 19.85 -24.71 -7.98
CA PRO A 75 21.26 -25.03 -8.21
C PRO A 75 21.88 -25.86 -7.09
N GLU A 76 22.83 -26.71 -7.48
CA GLU A 76 23.57 -27.56 -6.54
C GLU A 76 25.04 -27.44 -6.80
N LEU A 77 25.81 -27.18 -5.75
CA LEU A 77 27.26 -27.08 -5.90
C LEU A 77 27.81 -28.50 -5.88
N LEU A 78 28.39 -28.93 -7.00
CA LEU A 78 28.88 -30.30 -7.12
C LEU A 78 30.33 -30.50 -6.65
N GLU A 79 31.20 -29.59 -7.06
CA GLU A 79 32.63 -29.65 -6.72
C GLU A 79 33.05 -28.24 -6.67
N LYS A 80 34.15 -27.96 -6.02
CA LYS A 80 34.69 -26.62 -6.00
C LYS A 80 36.16 -26.73 -5.67
N SER A 81 36.92 -25.71 -6.02
CA SER A 81 38.36 -25.75 -5.75
C SER A 81 39.08 -24.43 -5.95
N GLY A 82 40.24 -24.30 -5.31
CA GLY A 82 41.01 -23.09 -5.38
C GLY A 82 40.41 -22.05 -4.45
N GLU A 83 41.10 -20.93 -4.31
CA GLU A 83 40.66 -19.82 -3.48
C GLU A 83 40.94 -18.60 -4.31
N THR A 84 40.08 -17.61 -4.19
CA THR A 84 40.23 -16.36 -4.94
C THR A 84 39.37 -15.31 -4.28
N GLY A 85 39.39 -14.10 -4.79
CA GLY A 85 38.56 -13.05 -4.24
C GLY A 85 38.74 -11.74 -4.96
N ILE A 86 37.63 -11.04 -5.19
CA ILE A 86 37.67 -9.71 -5.79
C ILE A 86 36.94 -8.78 -4.84
N GLU A 87 36.86 -7.50 -5.17
CA GLU A 87 36.08 -6.56 -4.36
C GLU A 87 34.64 -6.67 -4.83
N GLU A 88 33.84 -7.42 -4.11
CA GLU A 88 32.49 -7.62 -4.51
C GLU A 88 31.59 -6.53 -3.97
N GLY A 89 30.47 -6.34 -4.65
CA GLY A 89 29.49 -5.38 -4.21
C GLY A 89 28.17 -6.12 -4.25
N CYS A 90 27.14 -5.54 -3.63
CA CYS A 90 25.83 -6.17 -3.57
C CYS A 90 24.71 -5.15 -3.77
N LEU A 91 23.68 -5.52 -4.53
CA LEU A 91 22.54 -4.63 -4.73
C LEU A 91 21.77 -4.35 -3.41
N SER A 92 21.96 -5.24 -2.43
CA SER A 92 21.33 -5.15 -1.13
C SER A 92 22.15 -4.38 -0.11
N ILE A 93 23.38 -4.06 -0.48
CA ILE A 93 24.29 -3.33 0.40
C ILE A 93 24.89 -2.19 -0.42
N PRO A 94 24.02 -1.28 -0.84
CA PRO A 94 24.37 -0.15 -1.70
C PRO A 94 25.70 0.53 -1.51
N GLU A 95 26.46 0.58 -2.60
CA GLU A 95 27.73 1.28 -2.63
C GLU A 95 28.89 0.77 -1.80
N GLN A 96 28.73 -0.38 -1.19
CA GLN A 96 29.83 -0.93 -0.39
C GLN A 96 30.47 -2.08 -1.16
N ARG A 97 31.79 -2.13 -1.16
CA ARG A 97 32.51 -3.19 -1.88
C ARG A 97 33.63 -3.75 -0.99
N ALA A 98 33.91 -5.05 -1.13
CA ALA A 98 34.96 -5.67 -0.34
C ALA A 98 35.39 -7.03 -0.87
N LEU A 99 36.66 -7.34 -0.68
CA LEU A 99 37.17 -8.63 -1.09
C LEU A 99 36.74 -9.71 -0.09
N VAL A 100 36.21 -10.79 -0.62
CA VAL A 100 35.79 -11.90 0.21
C VAL A 100 36.36 -13.21 -0.40
N PRO A 101 36.73 -14.18 0.45
CA PRO A 101 37.32 -15.43 -0.03
C PRO A 101 36.30 -16.30 -0.71
N ARG A 102 36.65 -16.80 -1.88
CA ARG A 102 35.75 -17.65 -2.65
C ARG A 102 36.55 -18.81 -3.28
N ALA A 103 35.87 -19.87 -3.69
CA ALA A 103 36.54 -20.95 -4.40
C ALA A 103 36.89 -20.33 -5.72
N GLU A 104 37.90 -20.84 -6.40
CA GLU A 104 38.25 -20.25 -7.68
C GLU A 104 37.44 -20.91 -8.81
N LYS A 105 37.12 -22.18 -8.62
CA LYS A 105 36.37 -22.92 -9.61
C LYS A 105 35.22 -23.64 -8.97
N VAL A 106 34.13 -23.76 -9.72
CA VAL A 106 32.96 -24.46 -9.23
C VAL A 106 32.24 -25.23 -10.30
N LYS A 107 31.57 -26.28 -9.88
CA LYS A 107 30.81 -27.09 -10.79
C LYS A 107 29.46 -27.26 -10.13
N ILE A 108 28.41 -26.93 -10.87
CA ILE A 108 27.08 -27.01 -10.33
C ILE A 108 26.13 -27.72 -11.29
N ARG A 109 25.00 -28.15 -10.74
CA ARG A 109 23.91 -28.71 -11.50
C ARG A 109 22.72 -27.78 -11.20
N ALA A 110 21.89 -27.52 -12.20
CA ALA A 110 20.73 -26.68 -12.02
C ALA A 110 19.69 -26.97 -13.10
N LEU A 111 18.56 -26.29 -13.00
CA LEU A 111 17.51 -26.37 -14.01
C LEU A 111 17.51 -25.05 -14.71
N ASP A 112 17.29 -25.09 -16.01
CA ASP A 112 17.19 -23.88 -16.75
C ASP A 112 15.72 -23.35 -16.73
N ARG A 113 15.51 -22.24 -17.44
CA ARG A 113 14.23 -21.54 -17.48
C ARG A 113 13.14 -22.42 -18.00
N ASP A 114 13.52 -23.54 -18.58
CA ASP A 114 12.56 -24.48 -19.09
C ASP A 114 12.50 -25.68 -18.17
N GLY A 115 13.11 -25.56 -17.00
CA GLY A 115 13.12 -26.65 -16.05
C GLY A 115 13.96 -27.84 -16.55
N LYS A 116 14.88 -27.57 -17.46
CA LYS A 116 15.74 -28.63 -17.95
C LYS A 116 17.02 -28.61 -17.12
N PRO A 117 17.46 -29.79 -16.70
CA PRO A 117 18.66 -29.92 -15.88
C PRO A 117 19.91 -29.77 -16.73
N PHE A 118 20.92 -29.10 -16.16
CA PHE A 118 22.17 -28.93 -16.84
C PHE A 118 23.29 -28.85 -15.85
N GLU A 119 24.50 -29.05 -16.35
CA GLU A 119 25.70 -28.96 -15.52
C GLU A 119 26.59 -27.92 -16.06
N LEU A 120 27.25 -27.22 -15.16
CA LEU A 120 28.12 -26.15 -15.55
C LEU A 120 29.35 -26.06 -14.64
N GLU A 121 30.49 -25.90 -15.28
CA GLU A 121 31.74 -25.73 -14.57
C GLU A 121 32.17 -24.32 -14.85
N ALA A 122 32.41 -23.55 -13.83
CA ALA A 122 32.78 -22.18 -14.04
C ALA A 122 34.01 -21.77 -13.28
N ASP A 123 34.57 -20.65 -13.68
CA ASP A 123 35.70 -20.07 -13.00
C ASP A 123 35.63 -18.55 -13.20
N GLY A 124 36.72 -17.86 -12.86
CA GLY A 124 36.77 -16.41 -13.03
C GLY A 124 35.56 -15.75 -12.41
N LEU A 125 35.17 -14.62 -12.96
CA LEU A 125 34.02 -13.86 -12.46
C LEU A 125 32.77 -14.70 -12.33
N LEU A 126 32.48 -15.51 -13.31
CA LEU A 126 31.30 -16.34 -13.24
C LEU A 126 31.17 -17.24 -11.96
N ALA A 127 32.27 -17.81 -11.52
CA ALA A 127 32.21 -18.71 -10.37
C ALA A 127 31.99 -17.95 -9.08
N ILE A 128 32.64 -16.81 -8.95
CA ILE A 128 32.51 -15.98 -7.77
C ILE A 128 31.06 -15.49 -7.67
N CYS A 129 30.51 -15.08 -8.81
CA CYS A 129 29.14 -14.57 -8.86
C CYS A 129 28.18 -15.65 -8.43
N ILE A 130 28.37 -16.84 -9.00
CA ILE A 130 27.55 -17.94 -8.64
C ILE A 130 27.59 -18.17 -7.15
N GLN A 131 28.75 -17.98 -6.56
CA GLN A 131 28.86 -18.21 -5.14
C GLN A 131 28.15 -17.12 -4.34
N HIS A 132 28.29 -15.90 -4.82
CA HIS A 132 27.68 -14.75 -4.19
C HIS A 132 26.16 -14.96 -4.14
N GLU A 133 25.57 -15.41 -5.26
CA GLU A 133 24.12 -15.63 -5.36
C GLU A 133 23.61 -16.78 -4.50
N MET A 134 24.35 -17.89 -4.49
CA MET A 134 23.93 -19.06 -3.70
C MET A 134 23.95 -18.77 -2.24
N ASP A 135 24.83 -17.90 -1.83
CA ASP A 135 24.87 -17.53 -0.44
C ASP A 135 23.59 -16.77 -0.09
N HIS A 136 23.10 -15.94 -1.02
CA HIS A 136 21.86 -15.16 -0.80
C HIS A 136 20.74 -16.10 -0.44
N LEU A 137 20.65 -17.19 -1.17
CA LEU A 137 19.61 -18.19 -0.98
C LEU A 137 19.59 -18.83 0.40
N VAL A 138 20.66 -18.63 1.15
CA VAL A 138 20.72 -19.19 2.48
C VAL A 138 20.85 -18.06 3.45
N GLY A 139 20.42 -16.88 3.01
CA GLY A 139 20.40 -15.71 3.85
C GLY A 139 21.73 -15.22 4.26
N LYS A 140 22.74 -15.48 3.47
CA LYS A 140 24.08 -15.00 3.79
C LYS A 140 24.50 -13.85 2.88
N LEU A 141 25.19 -12.86 3.46
CA LEU A 141 25.68 -11.69 2.71
C LEU A 141 27.20 -11.60 2.72
N PHE A 142 27.76 -10.87 1.75
CA PHE A 142 29.20 -10.78 1.67
C PHE A 142 29.81 -10.16 2.92
N MET A 143 29.14 -9.19 3.51
CA MET A 143 29.65 -8.51 4.68
C MET A 143 29.81 -9.48 5.86
N ASP A 144 29.13 -10.60 5.78
CA ASP A 144 29.19 -11.61 6.83
C ASP A 144 30.59 -12.21 6.95
N TYR A 145 31.37 -12.09 5.90
CA TYR A 145 32.70 -12.64 5.91
C TYR A 145 33.63 -11.69 6.57
N LEU A 146 33.14 -10.50 6.90
CA LEU A 146 33.99 -9.46 7.47
C LEU A 146 33.98 -9.32 8.97
N SER A 147 34.85 -8.43 9.44
CA SER A 147 34.99 -8.14 10.84
C SER A 147 33.80 -7.33 11.31
N PRO A 148 33.46 -7.45 12.60
CA PRO A 148 32.35 -6.73 13.19
C PRO A 148 32.54 -5.23 13.02
N LEU A 149 33.78 -4.79 13.15
CA LEU A 149 34.08 -3.40 12.98
C LEU A 149 33.68 -3.02 11.58
N LYS A 150 34.22 -3.75 10.62
CA LYS A 150 33.91 -3.47 9.22
C LYS A 150 32.43 -3.62 8.94
N GLN A 151 31.79 -4.59 9.58
CA GLN A 151 30.38 -4.80 9.40
C GLN A 151 29.58 -3.60 9.87
N GLN A 152 29.90 -3.09 11.05
CA GLN A 152 29.16 -1.96 11.60
C GLN A 152 29.26 -0.79 10.67
N ARG A 153 30.46 -0.53 10.22
CA ARG A 153 30.71 0.57 9.32
C ARG A 153 29.89 0.50 8.03
N ILE A 154 29.85 -0.65 7.40
CA ILE A 154 29.12 -0.79 6.18
C ILE A 154 27.69 -0.49 6.44
N ARG A 155 27.19 -1.00 7.56
CA ARG A 155 25.79 -0.83 7.92
C ARG A 155 25.39 0.60 8.08
N GLN A 156 26.29 1.37 8.65
CA GLN A 156 26.04 2.75 8.88
C GLN A 156 25.98 3.51 7.58
N LYS A 157 26.95 3.28 6.73
CA LYS A 157 26.98 3.92 5.43
C LYS A 157 25.68 3.63 4.67
N VAL A 158 25.20 2.41 4.74
CA VAL A 158 23.98 2.04 4.01
C VAL A 158 22.73 2.74 4.51
N GLU A 159 22.60 2.85 5.84
CA GLU A 159 21.43 3.50 6.44
C GLU A 159 21.38 4.99 6.15
N LYS A 160 22.55 5.60 6.03
CA LYS A 160 22.63 7.02 5.70
C LYS A 160 22.24 7.28 4.25
N LEU A 161 22.59 6.35 3.37
CA LEU A 161 22.25 6.48 1.96
C LEU A 161 20.76 6.40 1.86
N ASP A 162 20.22 5.31 2.37
CA ASP A 162 18.80 5.08 2.28
C ASP A 162 18.00 6.16 2.92
N ARG A 163 18.66 6.94 3.78
CA ARG A 163 17.99 8.04 4.43
C ARG A 163 17.82 9.18 3.41
N LEU A 164 18.89 9.46 2.66
CA LEU A 164 18.88 10.52 1.64
C LEU A 164 18.00 10.22 0.40
N SER B 1 6.09 -9.25 -3.93
CA SER B 1 7.05 -8.23 -4.27
C SER B 1 6.36 -6.91 -4.66
N VAL B 2 7.08 -5.82 -4.48
CA VAL B 2 6.55 -4.53 -4.81
C VAL B 2 7.03 -4.17 -6.17
N LEU B 3 6.08 -3.85 -7.05
CA LEU B 3 6.38 -3.56 -8.45
C LEU B 3 6.48 -2.11 -8.70
N GLN B 4 7.24 -1.75 -9.72
CA GLN B 4 7.38 -0.37 -10.12
C GLN B 4 6.11 0.03 -10.86
N VAL B 5 5.65 1.23 -10.61
CA VAL B 5 4.45 1.73 -11.24
C VAL B 5 4.88 2.73 -12.30
N LEU B 6 4.32 2.61 -13.51
CA LEU B 6 4.68 3.53 -14.60
C LEU B 6 4.05 4.94 -14.44
N HIS B 7 4.77 5.96 -14.89
CA HIS B 7 4.31 7.34 -14.84
C HIS B 7 4.23 7.86 -16.24
N ILE B 8 3.31 8.78 -16.50
CA ILE B 8 3.26 9.38 -17.81
C ILE B 8 4.60 10.10 -17.93
N PRO B 9 5.13 10.27 -19.15
CA PRO B 9 4.44 9.93 -20.38
C PRO B 9 4.74 8.57 -20.97
N ASP B 10 4.95 7.57 -20.11
CA ASP B 10 5.20 6.21 -20.60
C ASP B 10 4.10 5.67 -21.46
N GLU B 11 4.45 5.36 -22.68
CA GLU B 11 3.51 4.85 -23.64
C GLU B 11 2.96 3.49 -23.35
N ARG B 12 3.51 2.87 -22.31
CA ARG B 12 3.04 1.56 -21.95
C ARG B 12 1.75 1.72 -21.23
N LEU B 13 1.53 2.90 -20.68
CA LEU B 13 0.28 3.23 -19.98
C LEU B 13 -0.88 3.30 -20.97
N ARG B 14 -0.55 3.41 -22.24
CA ARG B 14 -1.53 3.56 -23.27
C ARG B 14 -1.95 2.28 -23.97
N LYS B 15 -1.37 1.16 -23.55
CA LYS B 15 -1.70 -0.13 -24.16
C LYS B 15 -3.00 -0.69 -23.63
N VAL B 16 -3.71 -1.40 -24.49
CA VAL B 16 -4.98 -1.98 -24.13
C VAL B 16 -4.75 -3.41 -23.64
N ALA B 17 -5.29 -3.73 -22.47
CA ALA B 17 -5.05 -5.05 -21.88
C ALA B 17 -5.83 -6.22 -22.45
N LYS B 18 -5.22 -7.42 -22.44
CA LYS B 18 -5.88 -8.63 -22.94
C LYS B 18 -6.57 -9.27 -21.80
N PRO B 19 -7.65 -9.98 -22.08
CA PRO B 19 -8.39 -10.67 -21.04
C PRO B 19 -7.52 -11.80 -20.47
N VAL B 20 -7.79 -12.16 -19.24
CA VAL B 20 -7.08 -13.24 -18.60
C VAL B 20 -7.65 -14.54 -19.12
N GLU B 21 -6.80 -15.37 -19.73
CA GLU B 21 -7.22 -16.65 -20.32
C GLU B 21 -7.75 -17.62 -19.28
N GLU B 22 -6.99 -17.80 -18.20
CA GLU B 22 -7.38 -18.68 -17.12
C GLU B 22 -6.71 -18.25 -15.82
N VAL B 23 -7.46 -18.26 -14.74
CA VAL B 23 -6.94 -17.85 -13.44
C VAL B 23 -6.09 -18.99 -12.86
N ASN B 24 -4.80 -18.73 -12.77
CA ASN B 24 -3.88 -19.74 -12.29
C ASN B 24 -2.87 -19.14 -11.35
N ALA B 25 -2.00 -20.00 -10.83
CA ALA B 25 -0.95 -19.59 -9.90
C ALA B 25 -0.16 -18.39 -10.36
N GLU B 26 0.06 -18.25 -11.66
CA GLU B 26 0.78 -17.09 -12.15
C GLU B 26 -0.06 -15.84 -11.90
N ILE B 27 -1.34 -15.93 -12.25
CA ILE B 27 -2.25 -14.81 -12.10
C ILE B 27 -2.36 -14.40 -10.65
N GLN B 28 -2.53 -15.38 -9.81
CA GLN B 28 -2.69 -15.11 -8.41
C GLN B 28 -1.50 -14.45 -7.79
N ARG B 29 -0.30 -14.68 -8.36
CA ARG B 29 0.91 -14.05 -7.84
C ARG B 29 0.89 -12.60 -8.24
N ILE B 30 0.33 -12.34 -9.42
CA ILE B 30 0.24 -10.99 -9.93
C ILE B 30 -0.69 -10.22 -9.04
N VAL B 31 -1.82 -10.82 -8.76
CA VAL B 31 -2.80 -10.21 -7.88
C VAL B 31 -2.19 -9.82 -6.54
N ASP B 32 -1.47 -10.76 -5.95
CA ASP B 32 -0.85 -10.49 -4.67
C ASP B 32 0.20 -9.43 -4.73
N ASP B 33 1.00 -9.42 -5.78
CA ASP B 33 2.02 -8.39 -5.89
C ASP B 33 1.37 -7.03 -6.05
N MET B 34 0.26 -7.01 -6.78
CA MET B 34 -0.47 -5.77 -7.03
C MET B 34 -0.99 -5.22 -5.72
N PHE B 35 -1.54 -6.09 -4.87
CA PHE B 35 -2.02 -5.63 -3.56
C PHE B 35 -0.92 -4.99 -2.74
N GLU B 36 0.20 -5.67 -2.62
CA GLU B 36 1.34 -5.14 -1.88
C GLU B 36 1.78 -3.80 -2.42
N THR B 37 1.80 -3.72 -3.75
CA THR B 37 2.23 -2.49 -4.42
C THR B 37 1.23 -1.38 -4.09
N MET B 38 -0.04 -1.71 -4.21
CA MET B 38 -1.09 -0.73 -3.94
C MET B 38 -0.98 -0.25 -2.49
N TYR B 39 -0.93 -1.17 -1.54
CA TYR B 39 -0.79 -0.75 -0.15
C TYR B 39 0.50 0.03 0.08
N ALA B 40 1.58 -0.43 -0.55
CA ALA B 40 2.87 0.21 -0.43
C ALA B 40 2.82 1.67 -0.89
N GLU B 41 2.12 1.90 -1.99
CA GLU B 41 1.98 3.24 -2.56
C GLU B 41 0.84 4.03 -1.93
N GLU B 42 0.12 3.38 -1.01
CA GLU B 42 -0.99 4.02 -0.32
C GLU B 42 -2.17 4.34 -1.27
N GLY B 43 -2.53 3.39 -2.11
CA GLY B 43 -3.62 3.61 -3.03
C GLY B 43 -4.83 2.82 -2.68
N ILE B 44 -5.94 3.13 -3.34
CA ILE B 44 -7.18 2.43 -3.09
C ILE B 44 -7.50 1.54 -4.23
N GLY B 45 -6.65 1.57 -5.25
CA GLY B 45 -6.85 0.72 -6.41
C GLY B 45 -5.61 0.64 -7.28
N LEU B 46 -5.54 -0.40 -8.10
CA LEU B 46 -4.44 -0.57 -9.01
C LEU B 46 -4.83 -1.41 -10.20
N ALA B 47 -4.36 -1.02 -11.38
CA ALA B 47 -4.63 -1.79 -12.59
C ALA B 47 -3.32 -2.38 -13.09
N ALA B 48 -3.35 -3.64 -13.54
CA ALA B 48 -2.16 -4.37 -14.05
C ALA B 48 -1.31 -3.48 -14.98
N THR B 49 -1.98 -2.82 -15.93
CA THR B 49 -1.37 -1.91 -16.88
C THR B 49 -0.35 -1.00 -16.24
N GLN B 50 -0.64 -0.49 -15.04
CA GLN B 50 0.29 0.45 -14.37
C GLN B 50 1.62 -0.17 -13.93
N VAL B 51 1.62 -1.49 -13.84
CA VAL B 51 2.83 -2.21 -13.43
C VAL B 51 3.36 -3.03 -14.61
N ASP B 52 3.00 -2.56 -15.81
CA ASP B 52 3.42 -3.19 -17.05
C ASP B 52 2.97 -4.61 -17.27
N ILE B 53 1.80 -4.93 -16.75
CA ILE B 53 1.26 -6.23 -16.97
C ILE B 53 0.00 -5.92 -17.72
N HIS B 54 -0.03 -6.36 -18.96
CA HIS B 54 -1.12 -6.05 -19.84
C HIS B 54 -2.25 -7.04 -19.96
N GLN B 55 -2.87 -7.33 -18.80
CA GLN B 55 -3.99 -8.24 -18.71
C GLN B 55 -5.11 -7.60 -17.87
N ARG B 56 -6.35 -8.06 -18.09
CA ARG B 56 -7.52 -7.50 -17.40
C ARG B 56 -7.67 -7.89 -15.90
N ILE B 57 -6.81 -7.31 -15.08
CA ILE B 57 -6.78 -7.57 -13.65
C ILE B 57 -6.78 -6.28 -12.86
N ILE B 58 -7.71 -6.19 -11.93
CA ILE B 58 -7.79 -5.01 -11.06
C ILE B 58 -7.85 -5.42 -9.60
N VAL B 59 -7.14 -4.69 -8.75
CA VAL B 59 -7.23 -4.91 -7.31
C VAL B 59 -7.70 -3.61 -6.64
N ILE B 60 -8.58 -3.74 -5.66
CA ILE B 60 -9.14 -2.59 -5.00
C ILE B 60 -9.28 -2.83 -3.51
N ASP B 61 -9.20 -1.73 -2.76
CA ASP B 61 -9.50 -1.72 -1.32
C ASP B 61 -9.83 -0.28 -0.94
N VAL B 62 -11.11 0.02 -0.94
CA VAL B 62 -11.57 1.36 -0.59
C VAL B 62 -12.04 1.43 0.90
N SER B 63 -11.83 0.34 1.66
CA SER B 63 -12.20 0.27 3.08
C SER B 63 -11.41 1.27 3.92
N GLU B 64 -12.06 1.81 4.94
CA GLU B 64 -11.41 2.79 5.80
C GLU B 64 -10.35 2.14 6.63
N ASN B 65 -10.48 0.84 6.84
CA ASN B 65 -9.49 0.13 7.64
C ASN B 65 -8.42 -0.55 6.78
N ARG B 66 -8.59 -0.47 5.45
CA ARG B 66 -7.66 -1.08 4.49
C ARG B 66 -7.54 -2.53 4.76
N ASP B 67 -8.68 -3.19 4.91
CA ASP B 67 -8.71 -4.60 5.18
C ASP B 67 -9.80 -5.26 4.38
N GLU B 68 -10.07 -4.69 3.21
CA GLU B 68 -11.08 -5.26 2.33
C GLU B 68 -10.54 -5.33 0.91
N ARG B 69 -10.09 -6.51 0.55
CA ARG B 69 -9.51 -6.74 -0.75
C ARG B 69 -10.56 -7.13 -1.77
N LEU B 70 -10.57 -6.44 -2.87
CA LEU B 70 -11.53 -6.70 -3.89
C LEU B 70 -10.76 -6.96 -5.14
N VAL B 71 -11.08 -8.04 -5.82
CA VAL B 71 -10.36 -8.41 -7.02
C VAL B 71 -11.28 -8.52 -8.22
N LEU B 72 -10.92 -7.85 -9.29
CA LEU B 72 -11.71 -7.89 -10.49
C LEU B 72 -10.83 -8.34 -11.63
N ILE B 73 -11.17 -9.49 -12.18
CA ILE B 73 -10.43 -10.01 -13.32
C ILE B 73 -11.40 -10.10 -14.49
N ASN B 74 -11.02 -9.53 -15.63
CA ASN B 74 -11.89 -9.54 -16.79
C ASN B 74 -13.25 -8.89 -16.47
N PRO B 75 -13.20 -7.72 -15.83
CA PRO B 75 -14.42 -7.03 -15.44
C PRO B 75 -15.25 -6.60 -16.67
N GLU B 76 -16.56 -6.63 -16.54
CA GLU B 76 -17.45 -6.19 -17.60
C GLU B 76 -18.54 -5.28 -17.03
N LEU B 77 -18.67 -4.09 -17.60
CA LEU B 77 -19.68 -3.13 -17.15
C LEU B 77 -21.07 -3.49 -17.63
N LEU B 78 -21.92 -3.84 -16.69
CA LEU B 78 -23.26 -4.25 -16.98
C LEU B 78 -24.20 -3.06 -17.13
N GLU B 79 -24.24 -2.21 -16.11
CA GLU B 79 -25.09 -1.03 -16.09
C GLU B 79 -24.37 0.08 -15.39
N LYS B 80 -24.80 1.30 -15.64
CA LYS B 80 -24.28 2.44 -14.93
C LYS B 80 -25.31 3.56 -14.89
N SER B 81 -25.25 4.39 -13.87
CA SER B 81 -26.21 5.43 -13.77
C SER B 81 -25.78 6.56 -12.88
N GLY B 82 -26.35 7.72 -13.13
CA GLY B 82 -26.07 8.89 -12.32
C GLY B 82 -24.78 9.52 -12.74
N GLU B 83 -24.45 10.60 -12.06
CA GLU B 83 -23.24 11.34 -12.31
C GLU B 83 -22.72 11.69 -10.98
N THR B 84 -21.41 11.77 -10.86
CA THR B 84 -20.81 12.16 -9.60
C THR B 84 -19.36 12.47 -9.85
N GLY B 85 -18.63 12.80 -8.80
CA GLY B 85 -17.25 13.09 -8.99
C GLY B 85 -16.56 13.56 -7.75
N ILE B 86 -15.29 13.17 -7.61
CA ILE B 86 -14.43 13.61 -6.51
C ILE B 86 -13.13 14.02 -7.15
N GLU B 87 -12.27 14.64 -6.38
CA GLU B 87 -10.97 14.99 -6.88
C GLU B 87 -10.10 13.71 -6.90
N GLU B 88 -9.79 13.24 -8.10
CA GLU B 88 -9.00 12.04 -8.25
C GLU B 88 -7.54 12.33 -8.42
N GLY B 89 -6.76 11.31 -8.09
CA GLY B 89 -5.33 11.31 -8.24
C GLY B 89 -5.01 9.91 -8.82
N CYS B 90 -3.82 9.75 -9.38
CA CYS B 90 -3.42 8.49 -9.98
C CYS B 90 -1.97 8.29 -9.66
N LEU B 91 -1.59 7.04 -9.44
CA LEU B 91 -0.22 6.76 -9.13
C LEU B 91 0.68 7.01 -10.34
N SER B 92 0.09 7.00 -11.52
CA SER B 92 0.87 7.23 -12.73
C SER B 92 1.03 8.70 -13.10
N ILE B 93 0.29 9.57 -12.43
CA ILE B 93 0.34 11.03 -12.66
C ILE B 93 0.54 11.66 -11.30
N PRO B 94 1.76 11.57 -10.83
CA PRO B 94 2.13 12.02 -9.51
C PRO B 94 1.79 13.46 -9.08
N GLU B 95 1.18 13.56 -7.89
CA GLU B 95 0.88 14.82 -7.23
C GLU B 95 -0.25 15.67 -7.79
N GLN B 96 -0.75 15.28 -8.94
CA GLN B 96 -1.82 16.00 -9.60
C GLN B 96 -3.14 15.38 -9.25
N ARG B 97 -4.13 16.21 -8.95
CA ARG B 97 -5.46 15.70 -8.67
C ARG B 97 -6.46 16.56 -9.43
N ALA B 98 -7.61 16.01 -9.73
CA ALA B 98 -8.64 16.75 -10.43
C ALA B 98 -9.95 16.00 -10.37
N LEU B 99 -11.04 16.74 -10.26
CA LEU B 99 -12.33 16.10 -10.25
C LEU B 99 -12.68 15.70 -11.66
N VAL B 100 -13.14 14.47 -11.83
CA VAL B 100 -13.59 14.05 -13.14
C VAL B 100 -14.93 13.43 -12.96
N PRO B 101 -15.71 13.52 -14.01
CA PRO B 101 -17.08 13.02 -13.98
C PRO B 101 -17.11 11.51 -14.08
N ARG B 102 -17.97 10.89 -13.30
CA ARG B 102 -18.10 9.45 -13.29
C ARG B 102 -19.53 9.05 -13.12
N ALA B 103 -19.85 7.81 -13.46
CA ALA B 103 -21.19 7.31 -13.24
C ALA B 103 -21.29 7.16 -11.74
N GLU B 104 -22.46 7.37 -11.21
CA GLU B 104 -22.62 7.31 -9.79
C GLU B 104 -22.82 5.86 -9.33
N LYS B 105 -23.51 5.10 -10.16
CA LYS B 105 -23.77 3.71 -9.86
C LYS B 105 -23.35 2.83 -11.01
N VAL B 106 -22.76 1.68 -10.66
CA VAL B 106 -22.31 0.70 -11.65
C VAL B 106 -22.56 -0.75 -11.21
N LYS B 107 -22.97 -1.57 -12.17
CA LYS B 107 -23.17 -2.97 -11.93
C LYS B 107 -22.17 -3.67 -12.81
N ILE B 108 -21.33 -4.48 -12.21
CA ILE B 108 -20.34 -5.17 -12.99
C ILE B 108 -20.37 -6.65 -12.76
N ARG B 109 -19.78 -7.38 -13.70
CA ARG B 109 -19.60 -8.82 -13.61
C ARG B 109 -18.07 -9.05 -13.76
N ALA B 110 -17.48 -9.82 -12.84
CA ALA B 110 -16.04 -10.10 -12.90
C ALA B 110 -15.70 -11.49 -12.38
N LEU B 111 -14.41 -11.83 -12.39
CA LEU B 111 -13.91 -13.11 -11.87
C LEU B 111 -13.08 -12.78 -10.68
N ASP B 112 -13.17 -13.62 -9.64
CA ASP B 112 -12.40 -13.39 -8.42
C ASP B 112 -11.02 -14.04 -8.45
N ARG B 113 -10.32 -13.94 -7.32
CA ARG B 113 -8.98 -14.49 -7.19
C ARG B 113 -9.00 -15.96 -7.48
N ASP B 114 -10.16 -16.58 -7.31
CA ASP B 114 -10.27 -17.99 -7.55
C ASP B 114 -10.92 -18.22 -8.85
N GLY B 115 -10.95 -17.18 -9.67
CA GLY B 115 -11.55 -17.29 -10.99
C GLY B 115 -13.03 -17.64 -10.99
N LYS B 116 -13.73 -17.31 -9.93
CA LYS B 116 -15.17 -17.56 -9.91
C LYS B 116 -15.88 -16.25 -10.29
N PRO B 117 -16.86 -16.34 -11.18
CA PRO B 117 -17.57 -15.18 -11.64
C PRO B 117 -18.52 -14.66 -10.59
N PHE B 118 -18.59 -13.35 -10.44
CA PHE B 118 -19.49 -12.73 -9.49
C PHE B 118 -20.02 -11.40 -10.02
N GLU B 119 -21.17 -10.97 -9.49
CA GLU B 119 -21.77 -9.71 -9.89
C GLU B 119 -21.73 -8.73 -8.74
N LEU B 120 -21.51 -7.48 -9.06
CA LEU B 120 -21.39 -6.48 -8.03
C LEU B 120 -22.01 -5.15 -8.43
N GLU B 121 -22.90 -4.66 -7.56
CA GLU B 121 -23.53 -3.38 -7.75
C GLU B 121 -22.79 -2.41 -6.83
N ALA B 122 -22.20 -1.37 -7.40
CA ALA B 122 -21.46 -0.45 -6.55
C ALA B 122 -21.94 0.98 -6.63
N ASP B 123 -21.63 1.73 -5.58
CA ASP B 123 -21.86 3.16 -5.55
C ASP B 123 -20.74 3.84 -4.78
N GLY B 124 -20.88 5.12 -4.55
CA GLY B 124 -19.86 5.87 -3.82
C GLY B 124 -18.46 5.68 -4.39
N LEU B 125 -17.48 5.74 -3.49
CA LEU B 125 -16.09 5.61 -3.85
C LEU B 125 -15.82 4.36 -4.63
N LEU B 126 -16.37 3.24 -4.18
CA LEU B 126 -16.17 2.00 -4.90
C LEU B 126 -16.46 2.15 -6.40
N ALA B 127 -17.64 2.65 -6.73
CA ALA B 127 -18.04 2.84 -8.14
C ALA B 127 -17.07 3.74 -8.91
N ILE B 128 -16.63 4.80 -8.25
CA ILE B 128 -15.72 5.73 -8.87
C ILE B 128 -14.38 5.04 -9.12
N CYS B 129 -13.91 4.33 -8.10
CA CYS B 129 -12.65 3.59 -8.19
C CYS B 129 -12.71 2.54 -9.31
N ILE B 130 -13.79 1.79 -9.38
CA ILE B 130 -13.93 0.80 -10.39
C ILE B 130 -13.82 1.38 -11.79
N GLN B 131 -14.31 2.59 -11.97
CA GLN B 131 -14.28 3.22 -13.27
C GLN B 131 -12.90 3.65 -13.61
N HIS B 132 -12.23 4.24 -12.64
CA HIS B 132 -10.86 4.72 -12.83
C HIS B 132 -9.93 3.56 -13.22
N GLU B 133 -10.15 2.41 -12.59
CA GLU B 133 -9.32 1.25 -12.85
C GLU B 133 -9.62 0.67 -14.23
N MET B 134 -10.90 0.50 -14.56
CA MET B 134 -11.26 -0.06 -15.86
C MET B 134 -10.74 0.80 -17.03
N ASP B 135 -10.66 2.10 -16.81
CA ASP B 135 -10.11 2.99 -17.82
C ASP B 135 -8.65 2.60 -18.09
N HIS B 136 -7.88 2.46 -17.03
CA HIS B 136 -6.46 2.10 -17.16
C HIS B 136 -6.31 0.93 -18.15
N LEU B 137 -7.17 -0.09 -18.01
CA LEU B 137 -7.15 -1.30 -18.82
C LEU B 137 -7.31 -1.09 -20.30
N VAL B 138 -7.78 0.10 -20.68
CA VAL B 138 -7.97 0.42 -22.08
C VAL B 138 -7.17 1.62 -22.43
N GLY B 139 -6.13 1.86 -21.63
CA GLY B 139 -5.20 2.93 -21.88
C GLY B 139 -5.72 4.34 -21.64
N LYS B 140 -6.75 4.49 -20.83
CA LYS B 140 -7.27 5.84 -20.51
C LYS B 140 -6.81 6.27 -19.16
N LEU B 141 -6.44 7.55 -19.06
CA LEU B 141 -6.03 8.19 -17.80
C LEU B 141 -7.09 9.26 -17.45
N PHE B 142 -7.14 9.68 -16.20
CA PHE B 142 -8.16 10.62 -15.78
C PHE B 142 -7.98 11.97 -16.40
N MET B 143 -6.74 12.31 -16.68
CA MET B 143 -6.42 13.59 -17.29
C MET B 143 -7.06 13.69 -18.64
N ASP B 144 -7.31 12.56 -19.25
CA ASP B 144 -7.89 12.54 -20.57
C ASP B 144 -9.28 13.17 -20.62
N TYR B 145 -9.85 13.51 -19.46
CA TYR B 145 -11.21 14.09 -19.40
C TYR B 145 -11.17 15.57 -19.30
N LEU B 146 -10.01 16.07 -18.97
CA LEU B 146 -9.82 17.47 -18.80
C LEU B 146 -9.60 18.18 -20.14
N SER B 147 -9.44 19.47 -20.06
CA SER B 147 -9.21 20.26 -21.23
C SER B 147 -7.73 20.28 -21.56
N PRO B 148 -7.46 20.48 -22.83
CA PRO B 148 -6.12 20.55 -23.36
C PRO B 148 -5.18 21.36 -22.50
N LEU B 149 -5.66 22.51 -22.05
CA LEU B 149 -4.84 23.35 -21.21
C LEU B 149 -4.46 22.54 -20.03
N LYS B 150 -5.47 22.13 -19.28
CA LYS B 150 -5.27 21.35 -18.07
C LYS B 150 -4.28 20.21 -18.31
N GLN B 151 -4.57 19.42 -19.34
CA GLN B 151 -3.73 18.32 -19.69
C GLN B 151 -2.28 18.74 -19.75
N GLN B 152 -1.98 19.73 -20.58
CA GLN B 152 -0.63 20.25 -20.70
C GLN B 152 -0.12 20.74 -19.35
N ARG B 153 -0.92 21.57 -18.71
CA ARG B 153 -0.58 22.17 -17.44
C ARG B 153 -0.22 21.13 -16.43
N ILE B 154 -0.58 19.89 -16.74
CA ILE B 154 -0.33 18.75 -15.86
C ILE B 154 0.93 18.07 -16.31
N ARG B 155 1.00 17.81 -17.61
CA ARG B 155 2.15 17.18 -18.21
C ARG B 155 3.39 17.89 -17.71
N GLN B 156 3.32 19.22 -17.72
CA GLN B 156 4.43 20.03 -17.28
C GLN B 156 4.75 19.93 -15.79
N LYS B 157 3.74 19.95 -14.94
CA LYS B 157 4.00 19.84 -13.53
C LYS B 157 4.60 18.47 -13.20
N VAL B 158 4.06 17.43 -13.79
CA VAL B 158 4.52 16.08 -13.52
C VAL B 158 5.99 15.85 -13.84
N GLU B 159 6.43 16.35 -14.98
CA GLU B 159 7.79 16.13 -15.41
C GLU B 159 8.91 16.61 -14.47
N LYS B 160 8.74 17.82 -13.95
CA LYS B 160 9.70 18.36 -13.02
C LYS B 160 9.78 17.50 -11.77
N LEU B 161 8.63 16.96 -11.35
CA LEU B 161 8.57 16.12 -10.17
C LEU B 161 9.47 14.88 -10.33
N ASP B 162 9.38 14.23 -11.48
CA ASP B 162 10.18 13.03 -11.77
C ASP B 162 11.61 13.40 -12.08
N ARG B 163 11.80 14.63 -12.52
CA ARG B 163 13.13 15.15 -12.79
C ARG B 163 13.80 15.22 -11.41
N LEU B 164 13.00 15.55 -10.41
CA LEU B 164 13.48 15.64 -9.04
C LEU B 164 14.23 16.97 -8.84
N SER C 1 -1.63 14.52 29.33
CA SER C 1 -1.50 15.84 28.69
C SER C 1 -2.77 16.23 27.93
N VAL C 2 -3.23 17.46 28.16
CA VAL C 2 -4.40 17.96 27.48
C VAL C 2 -3.98 18.50 26.12
N LEU C 3 -4.54 17.93 25.05
CA LEU C 3 -4.19 18.35 23.70
C LEU C 3 -5.09 19.47 23.24
N GLN C 4 -4.68 20.12 22.17
CA GLN C 4 -5.48 21.17 21.61
C GLN C 4 -6.51 20.58 20.65
N VAL C 5 -7.74 21.07 20.76
CA VAL C 5 -8.82 20.60 19.90
C VAL C 5 -8.99 21.60 18.73
N LEU C 6 -8.94 21.11 17.51
CA LEU C 6 -9.11 21.99 16.37
C LEU C 6 -10.56 22.50 16.26
N HIS C 7 -10.71 23.70 15.71
CA HIS C 7 -12.02 24.28 15.49
C HIS C 7 -12.16 24.61 14.02
N ILE C 8 -13.37 24.59 13.49
CA ILE C 8 -13.53 24.99 12.11
C ILE C 8 -13.05 26.43 12.14
N PRO C 9 -12.64 26.96 11.00
CA PRO C 9 -12.69 26.26 9.73
C PRO C 9 -11.38 25.53 9.40
N ASP C 10 -10.62 25.18 10.44
CA ASP C 10 -9.36 24.48 10.26
C ASP C 10 -9.46 23.36 9.21
N GLU C 11 -8.64 23.43 8.16
CA GLU C 11 -8.68 22.44 7.09
C GLU C 11 -8.30 21.05 7.52
N ARG C 12 -7.56 20.94 8.60
CA ARG C 12 -7.13 19.62 9.08
C ARG C 12 -8.31 18.78 9.60
N LEU C 13 -9.35 19.47 10.05
CA LEU C 13 -10.54 18.80 10.54
C LEU C 13 -11.18 18.04 9.41
N ARG C 14 -10.64 18.25 8.21
CA ARG C 14 -11.19 17.61 7.03
C ARG C 14 -10.38 16.43 6.48
N LYS C 15 -9.29 16.08 7.17
CA LYS C 15 -8.47 14.97 6.73
C LYS C 15 -9.06 13.66 7.09
N VAL C 16 -8.77 12.67 6.27
CA VAL C 16 -9.24 11.34 6.52
C VAL C 16 -8.14 10.63 7.25
N ALA C 17 -8.44 10.06 8.41
CA ALA C 17 -7.45 9.39 9.24
C ALA C 17 -7.08 8.02 8.68
N LYS C 18 -5.84 7.62 8.95
CA LYS C 18 -5.34 6.30 8.52
C LYS C 18 -5.54 5.25 9.62
N PRO C 19 -5.75 4.00 9.23
CA PRO C 19 -5.96 2.97 10.23
C PRO C 19 -4.69 2.78 11.07
N VAL C 20 -4.88 2.38 12.32
CA VAL C 20 -3.76 2.17 13.19
C VAL C 20 -3.10 0.86 12.82
N GLU C 21 -1.79 0.94 12.59
CA GLU C 21 -1.00 -0.22 12.18
C GLU C 21 -0.97 -1.24 13.26
N GLU C 22 -0.44 -0.87 14.40
CA GLU C 22 -0.44 -1.77 15.52
C GLU C 22 -0.56 -1.02 16.82
N VAL C 23 -1.33 -1.61 17.74
CA VAL C 23 -1.59 -1.00 19.01
C VAL C 23 -0.40 -1.17 19.92
N ASN C 24 0.26 -0.07 20.16
CA ASN C 24 1.42 -0.06 21.01
C ASN C 24 1.32 1.14 21.94
N ALA C 25 2.29 1.25 22.83
CA ALA C 25 2.29 2.32 23.80
C ALA C 25 2.16 3.69 23.20
N GLU C 26 2.81 3.94 22.08
CA GLU C 26 2.69 5.25 21.48
C GLU C 26 1.21 5.49 21.33
N ILE C 27 0.52 4.49 20.82
CA ILE C 27 -0.89 4.54 20.64
C ILE C 27 -1.57 4.74 22.00
N GLN C 28 -1.31 3.80 22.92
CA GLN C 28 -1.88 3.84 24.25
C GLN C 28 -1.64 5.16 24.96
N ARG C 29 -0.64 5.88 24.52
CA ARG C 29 -0.37 7.17 25.12
C ARG C 29 -1.23 8.26 24.51
N ILE C 30 -1.54 8.13 23.23
CA ILE C 30 -2.39 9.12 22.60
C ILE C 30 -3.78 8.99 23.22
N VAL C 31 -4.23 7.75 23.33
CA VAL C 31 -5.51 7.44 23.91
C VAL C 31 -5.71 8.18 25.21
N ASP C 32 -4.81 7.92 26.15
CA ASP C 32 -4.90 8.53 27.45
C ASP C 32 -4.91 10.03 27.33
N ASP C 33 -4.10 10.57 26.42
CA ASP C 33 -4.05 12.01 26.21
C ASP C 33 -5.43 12.50 25.70
N MET C 34 -6.05 11.69 24.84
CA MET C 34 -7.34 12.00 24.31
C MET C 34 -8.38 12.03 25.45
N PHE C 35 -8.39 10.97 26.27
CA PHE C 35 -9.31 10.87 27.42
C PHE C 35 -9.17 12.10 28.29
N GLU C 36 -7.92 12.45 28.59
CA GLU C 36 -7.63 13.60 29.41
C GLU C 36 -8.16 14.91 28.83
N THR C 37 -7.93 15.10 27.54
CA THR C 37 -8.39 16.31 26.86
C THR C 37 -9.93 16.38 26.82
N MET C 38 -10.56 15.21 26.62
CA MET C 38 -12.01 15.08 26.56
C MET C 38 -12.62 15.50 27.89
N TYR C 39 -12.13 14.86 28.97
CA TYR C 39 -12.57 15.15 30.32
C TYR C 39 -12.32 16.62 30.56
N ALA C 40 -11.17 17.09 30.08
CA ALA C 40 -10.80 18.48 30.20
C ALA C 40 -11.86 19.41 29.58
N GLU C 41 -12.19 19.18 28.32
CA GLU C 41 -13.15 20.04 27.59
C GLU C 41 -14.63 19.77 27.88
N GLU C 42 -14.88 18.65 28.56
CA GLU C 42 -16.21 18.26 28.99
C GLU C 42 -17.11 17.65 27.94
N GLY C 43 -16.51 16.83 27.08
CA GLY C 43 -17.25 16.12 26.04
C GLY C 43 -17.46 14.69 26.50
N ILE C 44 -18.25 13.95 25.75
CA ILE C 44 -18.51 12.56 26.08
C ILE C 44 -17.79 11.61 25.12
N GLY C 45 -17.12 12.20 24.15
CA GLY C 45 -16.36 11.46 23.16
C GLY C 45 -15.34 12.41 22.50
N LEU C 46 -14.41 11.82 21.75
CA LEU C 46 -13.40 12.59 21.06
C LEU C 46 -12.75 11.71 20.03
N ALA C 47 -12.39 12.30 18.92
CA ALA C 47 -11.76 11.57 17.83
C ALA C 47 -10.37 12.13 17.61
N ALA C 48 -9.42 11.25 17.30
CA ALA C 48 -8.02 11.67 17.06
C ALA C 48 -7.92 12.92 16.18
N THR C 49 -8.58 12.85 15.04
CA THR C 49 -8.61 13.95 14.09
C THR C 49 -8.73 15.32 14.76
N GLN C 50 -9.63 15.42 15.74
CA GLN C 50 -9.89 16.70 16.42
C GLN C 50 -8.67 17.27 17.09
N VAL C 51 -7.75 16.38 17.48
CA VAL C 51 -6.53 16.81 18.14
C VAL C 51 -5.39 16.73 17.16
N ASP C 52 -5.73 16.62 15.89
CA ASP C 52 -4.74 16.62 14.85
C ASP C 52 -3.94 15.35 14.79
N ILE C 53 -4.55 14.25 15.18
CA ILE C 53 -3.89 12.96 15.11
C ILE C 53 -4.67 12.13 14.14
N HIS C 54 -4.16 12.04 12.93
CA HIS C 54 -4.85 11.37 11.89
C HIS C 54 -4.90 9.89 11.84
N GLN C 55 -5.41 9.32 12.91
CA GLN C 55 -5.57 7.88 12.98
C GLN C 55 -6.93 7.49 13.51
N ARG C 56 -7.41 6.35 13.07
CA ARG C 56 -8.70 5.86 13.47
C ARG C 56 -8.79 5.47 14.93
N ILE C 57 -8.79 6.49 15.78
CA ILE C 57 -8.89 6.33 17.22
C ILE C 57 -10.04 7.20 17.79
N ILE C 58 -10.93 6.57 18.54
CA ILE C 58 -12.05 7.25 19.19
C ILE C 58 -12.12 6.87 20.70
N VAL C 59 -12.27 7.87 21.55
CA VAL C 59 -12.50 7.61 22.97
C VAL C 59 -13.88 8.16 23.34
N ILE C 60 -14.55 7.45 24.25
CA ILE C 60 -15.88 7.83 24.70
C ILE C 60 -16.07 7.47 26.16
N ASP C 61 -16.82 8.30 26.86
CA ASP C 61 -17.17 8.02 28.25
C ASP C 61 -18.40 8.81 28.58
N VAL C 62 -19.54 8.13 28.67
CA VAL C 62 -20.80 8.78 28.92
C VAL C 62 -21.12 8.74 30.43
N SER C 63 -20.24 8.11 31.19
CA SER C 63 -20.41 7.96 32.62
C SER C 63 -20.32 9.30 33.39
N GLU C 64 -21.11 9.42 34.47
CA GLU C 64 -21.09 10.61 35.31
C GLU C 64 -19.85 10.61 36.20
N ASN C 65 -19.31 9.41 36.43
CA ASN C 65 -18.15 9.25 37.27
C ASN C 65 -16.88 8.90 36.52
N ARG C 66 -16.79 9.36 35.28
CA ARG C 66 -15.61 9.13 34.47
C ARG C 66 -14.99 7.77 34.81
N ASP C 67 -15.85 6.77 35.01
CA ASP C 67 -15.42 5.41 35.34
C ASP C 67 -15.94 4.35 34.36
N GLU C 68 -16.12 4.75 33.12
CA GLU C 68 -16.59 3.83 32.08
C GLU C 68 -16.11 4.31 30.72
N ARG C 69 -14.80 4.16 30.53
CA ARG C 69 -14.15 4.54 29.32
C ARG C 69 -14.38 3.48 28.25
N LEU C 70 -14.50 3.96 27.03
CA LEU C 70 -14.70 3.10 25.89
C LEU C 70 -13.68 3.52 24.83
N VAL C 71 -12.95 2.54 24.30
CA VAL C 71 -11.97 2.83 23.25
C VAL C 71 -12.29 2.10 21.98
N LEU C 72 -12.22 2.83 20.87
CA LEU C 72 -12.52 2.28 19.56
C LEU C 72 -11.36 2.55 18.61
N ILE C 73 -10.60 1.51 18.30
CA ILE C 73 -9.49 1.64 17.38
C ILE C 73 -9.88 0.96 16.10
N ASN C 74 -9.68 1.63 14.97
CA ASN C 74 -10.04 1.06 13.66
C ASN C 74 -11.44 0.50 13.72
N PRO C 75 -12.38 1.36 14.05
CA PRO C 75 -13.77 0.92 14.15
C PRO C 75 -14.36 0.62 12.78
N GLU C 76 -15.33 -0.26 12.76
CA GLU C 76 -16.00 -0.62 11.53
C GLU C 76 -17.49 -0.83 11.79
N LEU C 77 -18.33 -0.13 11.04
CA LEU C 77 -19.77 -0.24 11.22
C LEU C 77 -20.36 -1.44 10.53
N LEU C 78 -20.92 -2.35 11.29
CA LEU C 78 -21.44 -3.56 10.70
C LEU C 78 -22.90 -3.49 10.30
N GLU C 79 -23.68 -2.76 11.07
CA GLU C 79 -25.10 -2.71 10.83
C GLU C 79 -25.64 -1.42 11.42
N LYS C 80 -26.78 -0.98 10.92
CA LYS C 80 -27.40 0.22 11.45
C LYS C 80 -28.87 0.17 11.18
N SER C 81 -29.64 0.87 11.99
CA SER C 81 -31.06 0.80 11.81
C SER C 81 -31.78 1.93 12.53
N GLY C 82 -32.96 2.26 12.03
CA GLY C 82 -33.79 3.29 12.62
C GLY C 82 -33.26 4.67 12.38
N GLU C 83 -34.03 5.68 12.79
CA GLU C 83 -33.64 7.06 12.67
C GLU C 83 -33.89 7.68 13.98
N THR C 84 -33.15 8.74 14.24
CA THR C 84 -33.30 9.46 15.46
C THR C 84 -32.45 10.70 15.39
N GLY C 85 -32.38 11.43 16.48
CA GLY C 85 -31.55 12.61 16.48
C GLY C 85 -31.73 13.44 17.73
N ILE C 86 -30.67 14.13 18.11
CA ILE C 86 -30.73 14.99 19.24
C ILE C 86 -30.04 16.26 18.81
N GLU C 87 -30.04 17.25 19.70
CA GLU C 87 -29.38 18.51 19.42
C GLU C 87 -27.95 18.27 19.78
N GLU C 88 -27.10 18.14 18.78
CA GLU C 88 -25.71 17.82 19.03
C GLU C 88 -24.85 19.03 19.05
N GLY C 89 -23.74 18.89 19.76
CA GLY C 89 -22.72 19.91 19.82
C GLY C 89 -21.38 19.19 19.50
N CYS C 90 -20.39 19.96 19.06
CA CYS C 90 -19.08 19.39 18.75
C CYS C 90 -17.97 20.25 19.31
N LEU C 91 -16.93 19.63 19.82
CA LEU C 91 -15.81 20.39 20.37
C LEU C 91 -15.15 21.28 19.31
N SER C 92 -15.17 20.86 18.05
CA SER C 92 -14.56 21.66 17.00
C SER C 92 -15.46 22.76 16.48
N ILE C 93 -16.69 22.80 16.98
CA ILE C 93 -17.67 23.83 16.61
C ILE C 93 -18.32 24.35 17.91
N PRO C 94 -17.54 25.16 18.64
CA PRO C 94 -17.90 25.68 19.95
C PRO C 94 -19.24 26.41 20.10
N GLU C 95 -20.01 25.95 21.09
CA GLU C 95 -21.27 26.56 21.43
C GLU C 95 -22.35 26.55 20.38
N GLN C 96 -22.27 25.64 19.43
CA GLN C 96 -23.27 25.55 18.39
C GLN C 96 -23.93 24.19 18.52
N ARG C 97 -25.27 24.16 18.57
CA ARG C 97 -25.99 22.88 18.69
C ARG C 97 -27.02 22.73 17.59
N ALA C 98 -27.36 21.50 17.25
CA ALA C 98 -28.32 21.26 16.19
C ALA C 98 -28.71 19.84 16.15
N LEU C 99 -29.98 19.59 15.83
CA LEU C 99 -30.47 18.22 15.76
C LEU C 99 -30.08 17.64 14.41
N VAL C 100 -29.42 16.49 14.43
CA VAL C 100 -29.01 15.88 13.19
C VAL C 100 -29.56 14.49 13.08
N PRO C 101 -29.82 14.06 11.85
CA PRO C 101 -30.34 12.73 11.62
C PRO C 101 -29.20 11.69 11.77
N ARG C 102 -29.48 10.63 12.54
CA ARG C 102 -28.53 9.56 12.83
C ARG C 102 -29.29 8.29 12.81
N ALA C 103 -28.62 7.15 12.74
CA ALA C 103 -29.30 5.85 12.82
C ALA C 103 -29.60 5.64 14.30
N GLU C 104 -30.67 4.90 14.60
CA GLU C 104 -31.05 4.69 15.98
C GLU C 104 -30.15 3.65 16.63
N LYS C 105 -29.90 2.57 15.89
CA LYS C 105 -29.06 1.49 16.38
C LYS C 105 -27.89 1.22 15.44
N VAL C 106 -26.75 0.87 16.01
CA VAL C 106 -25.59 0.51 15.21
C VAL C 106 -24.82 -0.68 15.80
N LYS C 107 -24.21 -1.48 14.92
CA LYS C 107 -23.39 -2.59 15.34
C LYS C 107 -22.02 -2.33 14.81
N ILE C 108 -21.04 -2.30 15.68
CA ILE C 108 -19.68 -2.06 15.26
C ILE C 108 -18.68 -3.07 15.80
N ARG C 109 -17.53 -3.09 15.16
CA ARG C 109 -16.44 -3.94 15.56
C ARG C 109 -15.23 -3.03 15.59
N ALA C 110 -14.40 -3.18 16.62
CA ALA C 110 -13.22 -2.35 16.79
C ALA C 110 -12.20 -3.08 17.67
N LEU C 111 -11.09 -2.40 17.98
CA LEU C 111 -10.08 -2.98 18.85
C LEU C 111 -10.02 -2.14 20.06
N ASP C 112 -9.94 -2.81 21.21
CA ASP C 112 -9.85 -2.11 22.48
C ASP C 112 -8.48 -1.48 22.64
N ARG C 113 -8.17 -1.07 23.87
CA ARG C 113 -6.90 -0.42 24.16
C ARG C 113 -5.75 -1.35 24.11
N ASP C 114 -6.05 -2.64 24.19
CA ASP C 114 -5.02 -3.64 24.16
C ASP C 114 -4.89 -4.22 22.78
N GLY C 115 -5.67 -3.71 21.84
CA GLY C 115 -5.59 -4.19 20.49
C GLY C 115 -6.37 -5.47 20.36
N LYS C 116 -7.29 -5.68 21.27
CA LYS C 116 -8.15 -6.84 21.18
C LYS C 116 -9.45 -6.44 20.52
N PRO C 117 -9.88 -7.26 19.57
CA PRO C 117 -11.10 -7.01 18.83
C PRO C 117 -12.34 -7.30 19.65
N PHE C 118 -13.39 -6.53 19.38
CA PHE C 118 -14.67 -6.70 20.05
C PHE C 118 -15.78 -6.10 19.23
N GLU C 119 -16.98 -6.57 19.48
CA GLU C 119 -18.15 -6.06 18.80
C GLU C 119 -19.03 -5.41 19.85
N LEU C 120 -19.76 -4.40 19.45
CA LEU C 120 -20.58 -3.66 20.38
C LEU C 120 -21.85 -3.27 19.73
N GLU C 121 -22.96 -3.55 20.38
CA GLU C 121 -24.25 -3.10 19.86
C GLU C 121 -24.66 -1.93 20.71
N ALA C 122 -25.04 -0.84 20.06
CA ALA C 122 -25.40 0.35 20.79
C ALA C 122 -26.66 0.99 20.29
N ASP C 123 -27.26 1.78 21.14
CA ASP C 123 -28.41 2.53 20.74
C ASP C 123 -28.47 3.77 21.56
N GLY C 124 -29.51 4.53 21.38
CA GLY C 124 -29.63 5.75 22.10
C GLY C 124 -28.42 6.65 21.92
N LEU C 125 -28.10 7.35 22.99
CA LEU C 125 -27.04 8.31 22.98
C LEU C 125 -25.72 7.74 22.51
N LEU C 126 -25.45 6.51 22.91
CA LEU C 126 -24.20 5.88 22.56
C LEU C 126 -24.10 5.75 21.05
N ALA C 127 -25.14 5.20 20.45
CA ALA C 127 -25.18 5.04 19.03
C ALA C 127 -24.91 6.37 18.34
N ILE C 128 -25.64 7.42 18.74
CA ILE C 128 -25.45 8.73 18.14
C ILE C 128 -24.02 9.19 18.27
N CYS C 129 -23.48 9.02 19.47
CA CYS C 129 -22.14 9.41 19.78
C CYS C 129 -21.11 8.68 18.90
N ILE C 130 -21.27 7.39 18.78
CA ILE C 130 -20.36 6.63 17.95
C ILE C 130 -20.34 7.17 16.52
N GLN C 131 -21.53 7.51 16.00
CA GLN C 131 -21.65 8.04 14.62
C GLN C 131 -20.96 9.36 14.48
N HIS C 132 -21.22 10.26 15.40
CA HIS C 132 -20.63 11.58 15.40
C HIS C 132 -19.11 11.43 15.31
N GLU C 133 -18.59 10.51 16.12
CA GLU C 133 -17.14 10.28 16.23
C GLU C 133 -16.59 9.73 14.92
N MET C 134 -17.16 8.65 14.44
CA MET C 134 -16.72 8.05 13.19
C MET C 134 -16.74 9.04 12.01
N ASP C 135 -17.66 10.00 12.04
CA ASP C 135 -17.75 11.00 10.99
C ASP C 135 -16.50 11.82 11.04
N HIS C 136 -16.05 12.14 12.23
CA HIS C 136 -14.84 12.95 12.37
C HIS C 136 -13.66 12.30 11.62
N LEU C 137 -13.51 10.98 11.80
CA LEU C 137 -12.40 10.23 11.18
C LEU C 137 -12.31 10.33 9.66
N VAL C 138 -13.44 10.59 9.01
CA VAL C 138 -13.41 10.71 7.57
C VAL C 138 -13.59 12.14 7.14
N GLY C 139 -13.24 13.06 8.03
CA GLY C 139 -13.34 14.51 7.74
C GLY C 139 -14.79 15.08 7.68
N LYS C 140 -15.73 14.44 8.38
CA LYS C 140 -17.11 14.90 8.36
C LYS C 140 -17.56 15.48 9.70
N LEU C 141 -18.24 16.63 9.62
CA LEU C 141 -18.76 17.35 10.80
C LEU C 141 -20.29 17.39 10.76
N PHE C 142 -20.94 17.57 11.91
CA PHE C 142 -22.40 17.55 11.94
C PHE C 142 -23.07 18.64 11.16
N MET C 143 -22.40 19.79 11.04
CA MET C 143 -22.96 20.91 10.29
C MET C 143 -23.12 20.59 8.84
N ASP C 144 -22.34 19.62 8.37
CA ASP C 144 -22.41 19.14 6.97
C ASP C 144 -23.78 18.56 6.65
N TYR C 145 -24.52 18.15 7.67
CA TYR C 145 -25.83 17.59 7.45
C TYR C 145 -26.88 18.68 7.27
N LEU C 146 -26.54 19.90 7.65
CA LEU C 146 -27.48 21.02 7.60
C LEU C 146 -27.54 21.71 6.21
N SER C 147 -28.48 22.65 6.06
CA SER C 147 -28.66 23.43 4.83
C SER C 147 -27.53 24.49 4.70
N PRO C 148 -27.18 24.84 3.46
CA PRO C 148 -26.10 25.79 3.18
C PRO C 148 -26.15 27.03 4.06
N LEU C 149 -27.36 27.52 4.30
CA LEU C 149 -27.54 28.70 5.10
C LEU C 149 -27.09 28.47 6.52
N LYS C 150 -27.70 27.45 7.14
CA LYS C 150 -27.38 27.07 8.49
C LYS C 150 -25.90 26.89 8.65
N GLN C 151 -25.29 26.28 7.65
CA GLN C 151 -23.84 26.07 7.68
C GLN C 151 -23.15 27.37 7.87
N GLN C 152 -23.43 28.32 6.98
CA GLN C 152 -22.81 29.61 7.09
C GLN C 152 -22.88 30.18 8.49
N ARG C 153 -24.08 30.55 8.92
CA ARG C 153 -24.22 31.08 10.27
C ARG C 153 -23.27 30.37 11.27
N ILE C 154 -23.33 29.04 11.35
CA ILE C 154 -22.48 28.30 12.28
C ILE C 154 -21.06 28.83 12.27
N ARG C 155 -20.43 28.74 11.11
CA ARG C 155 -19.05 29.17 10.94
C ARG C 155 -18.83 30.53 11.59
N GLN C 156 -19.62 31.51 11.16
CA GLN C 156 -19.53 32.87 11.71
C GLN C 156 -19.47 32.84 13.23
N LYS C 157 -20.60 32.50 13.83
CA LYS C 157 -20.73 32.42 15.26
C LYS C 157 -19.51 31.75 15.90
N VAL C 158 -18.91 30.81 15.19
CA VAL C 158 -17.74 30.12 15.73
C VAL C 158 -16.47 30.96 15.63
N GLU C 159 -16.26 31.58 14.47
CA GLU C 159 -15.09 32.42 14.25
C GLU C 159 -15.01 33.59 15.24
N LYS C 160 -16.15 34.24 15.47
CA LYS C 160 -16.23 35.35 16.42
C LYS C 160 -15.88 34.81 17.81
N LEU C 161 -16.53 33.73 18.18
CA LEU C 161 -16.28 33.06 19.43
C LEU C 161 -14.79 32.87 19.65
N ASP C 162 -14.08 32.54 18.57
CA ASP C 162 -12.64 32.22 18.62
C ASP C 162 -11.66 33.35 18.55
N ARG C 163 -11.89 34.29 17.65
CA ARG C 163 -11.02 35.43 17.58
C ARG C 163 -11.05 35.94 19.04
N LEU C 164 -11.61 35.08 19.89
CA LEU C 164 -11.70 35.24 21.34
C LEU C 164 -12.84 34.41 21.92
NI NI D . 24.23 -9.62 -3.73
C2 BB1 E . 24.47 -8.01 -7.43
C3 BB1 E . 25.99 -8.10 -7.47
C4 BB1 E . 26.57 -7.11 -8.44
O3 BB1 E . 26.11 -7.03 -9.58
N2 BB1 E . 27.66 -6.46 -8.03
C5 BB1 E . 28.43 -5.59 -8.89
C7 BB1 E . 26.55 -9.53 -7.68
C8 BB1 E . 28.12 -9.54 -7.49
C9 BB1 E . 28.71 -10.82 -8.13
C10 BB1 E . 30.08 -11.14 -7.53
N1 BB1 E . 23.95 -8.70 -6.27
C1 BB1 E . 23.58 -9.98 -6.37
O1 BB1 E . 23.25 -10.62 -5.36
O2 BB1 E . 23.99 -8.26 -5.00
C6 BB1 E . 29.87 -6.03 -8.70
N3 BB1 E . 30.74 -6.39 -9.66
C16 BB1 E . 32.08 -6.80 -9.23
C15 BB1 E . 30.40 -6.35 -11.06
O4 BB1 E . 30.23 -6.09 -7.51
C11 BB1 E . 28.21 -4.09 -8.67
C12 BB1 E . 29.10 -3.31 -9.66
C13 BB1 E . 28.57 -3.66 -7.24
C14 BB1 E . 26.74 -3.75 -8.94
NI NI F . -4.68 5.44 -11.70
C2 BB1 G . -4.49 4.73 -7.54
C3 BB1 G . -5.59 5.76 -7.29
C4 BB1 G . -5.55 6.23 -5.86
O3 BB1 G . -5.45 5.41 -4.99
N2 BB1 G . -5.71 7.54 -5.65
C5 BB1 G . -5.76 8.13 -4.32
C7 BB1 G . -6.99 5.34 -7.69
C8 BB1 G . -7.98 6.38 -7.24
C9 BB1 G . -9.40 5.96 -7.62
C10 BB1 G . -10.36 7.17 -7.62
N1 BB1 G . -4.36 4.48 -8.96
C1 BB1 G . -5.11 3.53 -9.51
O1 BB1 G . -5.14 3.33 -10.71
O2 BB1 G . -3.57 5.35 -9.97
C6 BB1 G . -6.98 9.02 -4.31
N3 BB1 G . -7.99 9.05 -3.41
C16 BB1 G . -9.08 10.01 -3.67
C15 BB1 G . -8.04 8.19 -2.22
O4 BB1 G . -7.05 9.78 -5.28
C11 BB1 G . -4.47 8.86 -3.93
C12 BB1 G . -4.58 9.38 -2.47
C13 BB1 G . -4.22 10.05 -4.90
C14 BB1 G . -3.26 7.90 -4.03
NI NI H . -17.36 16.49 17.48
C2 BB1 I . -17.80 16.32 21.53
C3 BB1 I . -19.27 16.00 21.48
C4 BB1 I . -19.87 16.33 22.80
O3 BB1 I . -19.42 15.79 23.79
N2 BB1 I . -20.94 17.13 22.81
C5 BB1 I . -21.64 17.48 24.02
C7 BB1 I . -19.62 14.58 21.04
C8 BB1 I . -21.13 14.32 21.19
C9 BB1 I . -21.60 13.21 20.23
C10 BB1 I . -23.11 13.02 20.31
N1 BB1 I . -17.15 16.16 20.26
C1 BB1 I . -16.86 14.94 19.83
O1 BB1 I . -16.37 14.74 18.75
O2 BB1 I . -16.89 17.11 19.38
C6 BB1 I . -23.05 17.11 23.72
N3 BB1 I . -23.80 16.14 24.30
C16 BB1 I . -25.16 15.97 23.77
C15 BB1 I . -23.35 15.31 25.41
O4 BB1 I . -23.51 17.74 22.77
C11 BB1 I . -21.48 18.95 24.36
C12 BB1 I . -22.42 19.33 25.52
C13 BB1 I . -21.84 19.83 23.11
C14 BB1 I . -20.00 19.26 24.78
#